data_2JAV
#
_entry.id   2JAV
#
_cell.length_a   41.634
_cell.length_b   56.924
_cell.length_c   66.012
_cell.angle_alpha   90.00
_cell.angle_beta   95.98
_cell.angle_gamma   90.00
#
_symmetry.space_group_name_H-M   'P 1 21 1'
#
loop_
_entity.id
_entity.type
_entity.pdbx_description
1 polymer 'SERINE/THREONINE-PROTEIN KINASE NEK2'
2 non-polymer 5-[(Z)-(5-CHLORO-2-OXO-1,2-DIHYDRO-3H-INDOL-3-YLIDENE)METHYL]-N-(DIETHYLAMINO)ETHYL]-2,4-DIMETHYL-1H-PYRROLE-3-CARBOXAMIDE
3 water water
#
_entity_poly.entity_id   1
_entity_poly.type   'polypeptide(L)'
_entity_poly.pdbx_seq_one_letter_code
;MPSRAEDYEVLYTIGTGSYGRCQKIRRKSDGKILVWKELDYGSMTEAEKQMLVSEVNLLRELKHPNIVRYYDRIIDRTNT
TLYIVMEYCEGGDLASVITKGTKERQYLDEEFVLRVMTQLTLALKECHRRSDGGHTVLHRDLKPANVFLDGKQNVKLGDF
GLARILNHDTSFAKAFVGTPYYMSPEQMNRMSYNEKSDIWSLGCLLYELCALMPPFTAFSQKELAGKIREGKFRRIPYRY
SDELNEIITRMLNLKDYHRPSVEEILENPLILEHHHHHH
;
_entity_poly.pdbx_strand_id   A
#
# COMPACT_ATOMS: atom_id res chain seq x y z
N SER A 3 21.29 -3.02 14.76
CA SER A 3 21.80 -3.42 16.20
C SER A 3 21.99 -2.19 17.02
N ARG A 4 22.82 -1.18 16.63
CA ARG A 4 23.08 0.01 17.48
C ARG A 4 22.87 1.32 16.67
N ALA A 5 22.31 2.35 17.31
CA ALA A 5 21.94 3.61 16.63
C ALA A 5 23.17 4.45 16.22
N GLU A 6 24.33 4.13 16.81
CA GLU A 6 25.61 4.78 16.49
C GLU A 6 26.19 4.31 15.15
N ASP A 7 25.56 3.25 14.56
CA ASP A 7 25.98 2.72 13.26
C ASP A 7 25.30 3.49 12.13
N TYR A 8 24.32 4.30 12.49
CA TYR A 8 23.52 5.03 11.52
C TYR A 8 23.63 6.53 11.72
N GLU A 9 23.85 7.24 10.61
CA GLU A 9 23.86 8.69 10.61
C GLU A 9 22.47 9.19 10.23
N VAL A 10 21.85 9.94 11.12
CA VAL A 10 20.55 10.53 10.84
C VAL A 10 20.75 11.69 9.86
N LEU A 11 20.04 11.60 8.74
CA LEU A 11 20.15 12.61 7.69
C LEU A 11 19.07 13.66 7.86
N TYR A 12 17.81 13.21 7.90
CA TYR A 12 16.67 14.08 8.21
C TYR A 12 15.38 13.37 8.57
N THR A 13 14.45 14.14 9.12
CA THR A 13 13.11 13.67 9.43
C THR A 13 12.25 13.75 8.18
N ILE A 14 11.64 12.62 7.81
CA ILE A 14 10.74 12.53 6.65
C ILE A 14 9.30 12.88 7.04
N GLY A 15 8.87 12.33 8.18
CA GLY A 15 7.53 12.58 8.69
C GLY A 15 7.44 12.32 10.18
N THR A 16 6.26 12.56 10.74
CA THR A 16 6.00 12.37 12.17
C THR A 16 4.55 11.96 12.38
N GLY A 17 4.25 11.37 13.53
CA GLY A 17 2.90 10.88 13.83
C GLY A 17 2.69 10.53 15.28
N SER A 18 1.53 9.93 15.56
CA SER A 18 1.16 9.52 16.91
C SER A 18 1.99 8.33 17.40
N TYR A 19 2.60 7.63 16.46
CA TYR A 19 3.53 6.53 16.76
C TYR A 19 4.89 7.09 17.17
N GLY A 20 5.35 8.08 16.43
CA GLY A 20 6.69 8.65 16.59
C GLY A 20 7.14 9.36 15.32
N ARG A 21 8.34 9.02 14.87
CA ARG A 21 9.03 9.79 13.83
C ARG A 21 9.63 8.89 12.76
N CYS A 22 9.55 9.32 11.50
CA CYS A 22 10.20 8.63 10.38
C CYS A 22 11.39 9.46 9.89
N GLN A 23 12.57 8.86 9.88
CA GLN A 23 13.79 9.56 9.53
C GLN A 23 14.57 8.87 8.42
N LYS A 24 15.15 9.66 7.53
CA LYS A 24 16.08 9.14 6.53
C LYS A 24 17.45 9.01 7.17
N ILE A 25 18.06 7.83 7.03
CA ILE A 25 19.34 7.52 7.67
C ILE A 25 20.37 6.93 6.69
N ARG A 26 21.64 7.28 6.90
CA ARG A 26 22.74 6.66 6.15
C ARG A 26 23.51 5.70 7.05
N ARG A 27 23.65 4.46 6.57
CA ARG A 27 24.40 3.44 7.28
C ARG A 27 25.91 3.66 7.10
N LYS A 28 26.65 3.57 8.21
CA LYS A 28 28.09 3.79 8.21
C LYS A 28 28.88 2.66 7.52
N SER A 29 28.28 1.48 7.42
CA SER A 29 28.88 0.32 6.75
C SER A 29 29.36 0.64 5.34
N ASP A 30 28.41 0.89 4.44
CA ASP A 30 28.71 1.12 3.02
C ASP A 30 27.94 2.29 2.41
N GLY A 31 27.62 3.30 3.23
CA GLY A 31 26.91 4.49 2.79
C GLY A 31 25.49 4.24 2.29
N LYS A 32 24.87 3.19 2.79
CA LYS A 32 23.53 2.80 2.36
C LYS A 32 22.46 3.71 2.95
N ILE A 33 21.69 4.35 2.07
CA ILE A 33 20.59 5.22 2.48
C ILE A 33 19.35 4.39 2.78
N LEU A 34 18.89 4.48 4.03
CA LEU A 34 17.70 3.77 4.50
C LEU A 34 16.80 4.73 5.30
N VAL A 35 15.74 4.20 5.90
CA VAL A 35 14.98 4.95 6.89
C VAL A 35 14.85 4.19 8.21
N TRP A 36 14.54 4.91 9.28
CA TRP A 36 14.00 4.25 10.45
C TRP A 36 12.73 4.90 10.99
N LYS A 37 11.88 4.07 11.58
CA LYS A 37 10.76 4.53 12.38
C LYS A 37 11.21 4.57 13.83
N GLU A 38 11.10 5.77 14.43
CA GLU A 38 11.53 6.04 15.80
C GLU A 38 10.33 5.95 16.74
N LEU A 39 10.31 4.94 17.60
CA LEU A 39 9.15 4.64 18.42
C LEU A 39 9.47 4.60 19.92
N ASP A 40 8.82 5.47 20.69
CA ASP A 40 9.00 5.49 22.14
C ASP A 40 8.07 4.47 22.78
N TYR A 41 8.66 3.47 23.42
CA TYR A 41 7.91 2.40 24.09
C TYR A 41 7.81 2.63 25.59
N GLY A 42 8.54 3.64 26.07
CA GLY A 42 8.60 3.97 27.49
C GLY A 42 7.27 4.28 28.16
N SER A 43 6.28 4.70 27.36
CA SER A 43 4.96 5.08 27.88
C SER A 43 3.94 3.93 27.85
N MET A 44 4.31 2.83 27.20
CA MET A 44 3.40 1.69 27.01
C MET A 44 3.47 0.64 28.14
N THR A 45 2.43 -0.18 28.21
CA THR A 45 2.37 -1.32 29.13
C THR A 45 3.05 -2.53 28.47
N GLU A 46 3.26 -3.59 29.26
CA GLU A 46 3.87 -4.83 28.77
C GLU A 46 2.93 -5.60 27.84
N ALA A 47 1.62 -5.43 28.04
CA ALA A 47 0.59 -6.10 27.24
C ALA A 47 0.59 -5.63 25.78
N GLU A 48 0.90 -4.35 25.58
CA GLU A 48 1.07 -3.77 24.25
C GLU A 48 2.47 -4.05 23.71
N LYS A 49 3.42 -4.23 24.63
CA LYS A 49 4.80 -4.55 24.29
C LYS A 49 4.95 -6.01 23.85
N GLN A 50 4.01 -6.86 24.27
CA GLN A 50 3.97 -8.25 23.87
C GLN A 50 3.52 -8.38 22.41
N MET A 51 2.62 -7.49 22.01
CA MET A 51 2.17 -7.42 20.63
C MET A 51 3.25 -6.85 19.72
N LEU A 52 3.84 -5.73 20.13
CA LEU A 52 4.85 -5.01 19.34
C LEU A 52 6.08 -5.86 19.01
N VAL A 53 6.59 -6.60 19.99
CA VAL A 53 7.75 -7.47 19.78
C VAL A 53 7.42 -8.62 18.82
N SER A 54 6.22 -9.20 18.96
CA SER A 54 5.73 -10.23 18.04
C SER A 54 5.57 -9.72 16.61
N GLU A 55 5.42 -8.39 16.46
CA GLU A 55 5.19 -7.76 15.17
C GLU A 55 6.47 -7.38 14.43
N VAL A 56 7.51 -7.02 15.19
CA VAL A 56 8.79 -6.63 14.60
C VAL A 56 9.47 -7.85 13.93
N ASN A 57 9.42 -8.98 14.63
CA ASN A 57 9.99 -10.24 14.12
C ASN A 57 9.18 -10.83 12.95
N LEU A 58 7.88 -10.56 12.92
CA LEU A 58 7.01 -11.02 11.83
C LEU A 58 7.31 -10.28 10.54
N LEU A 59 7.88 -9.08 10.67
CA LEU A 59 8.27 -8.25 9.54
C LEU A 59 9.56 -8.76 8.88
N ARG A 60 10.28 -9.64 9.56
CA ARG A 60 11.54 -10.19 9.05
C ARG A 60 11.33 -11.21 7.92
N GLU A 61 10.10 -11.71 7.80
CA GLU A 61 9.80 -12.85 6.91
C GLU A 61 9.89 -12.54 5.41
N LEU A 62 9.24 -11.46 4.97
CA LEU A 62 9.10 -11.20 3.54
C LEU A 62 10.20 -10.33 2.91
N LYS A 63 11.08 -11.00 2.16
CA LYS A 63 11.99 -10.32 1.23
C LYS A 63 11.40 -10.42 -0.18
N HIS A 64 10.90 -9.30 -0.69
CA HIS A 64 10.25 -9.25 -1.99
C HIS A 64 10.48 -7.89 -2.64
N PRO A 65 10.83 -7.85 -3.94
CA PRO A 65 11.08 -6.58 -4.64
C PRO A 65 9.92 -5.58 -4.56
N ASN A 66 8.68 -6.07 -4.42
CA ASN A 66 7.52 -5.19 -4.37
C ASN A 66 6.89 -5.02 -2.99
N ILE A 67 7.64 -5.38 -1.96
CA ILE A 67 7.22 -5.17 -0.57
C ILE A 67 8.37 -4.43 0.11
N VAL A 68 8.06 -3.34 0.80
CA VAL A 68 9.07 -2.61 1.57
C VAL A 68 9.89 -3.54 2.46
N ARG A 69 11.21 -3.44 2.35
CA ARG A 69 12.13 -4.36 2.99
C ARG A 69 12.56 -3.92 4.38
N TYR A 70 12.58 -4.88 5.31
CA TYR A 70 13.09 -4.70 6.67
C TYR A 70 14.59 -4.97 6.67
N TYR A 71 15.35 -4.16 7.39
CA TYR A 71 16.79 -4.35 7.49
C TYR A 71 17.28 -4.69 8.89
N ASP A 72 16.72 -3.99 9.89
CA ASP A 72 17.33 -3.97 11.22
C ASP A 72 16.38 -3.46 12.29
N ARG A 73 16.66 -3.83 13.54
CA ARG A 73 15.94 -3.31 14.70
C ARG A 73 16.93 -2.88 15.78
N ILE A 74 16.67 -1.73 16.40
CA ILE A 74 17.52 -1.21 17.47
C ILE A 74 16.67 -0.85 18.68
N ILE A 75 17.15 -1.23 19.86
CA ILE A 75 16.56 -0.80 21.14
C ILE A 75 17.59 0.06 21.88
N ASP A 76 17.15 1.27 22.25
CA ASP A 76 18.01 2.26 22.89
C ASP A 76 17.55 2.55 24.33
N THR A 81 13.32 4.10 23.41
CA THR A 81 13.18 4.23 21.96
C THR A 81 13.47 2.92 21.21
N LEU A 82 12.62 2.62 20.22
CA LEU A 82 12.80 1.48 19.33
C LEU A 82 12.93 1.97 17.89
N TYR A 83 13.97 1.52 17.21
CA TYR A 83 14.20 1.89 15.82
C TYR A 83 13.96 0.70 14.91
N ILE A 84 13.03 0.86 13.96
CA ILE A 84 12.77 -0.15 12.94
C ILE A 84 13.34 0.37 11.62
N VAL A 85 14.38 -0.28 11.13
CA VAL A 85 15.16 0.19 9.99
C VAL A 85 14.62 -0.45 8.71
N MET A 86 14.10 0.40 7.83
CA MET A 86 13.46 -0.03 6.59
C MET A 86 14.16 0.51 5.34
N GLU A 87 13.77 -0.06 4.21
CA GLU A 87 14.08 0.47 2.90
C GLU A 87 13.62 1.93 2.79
N TYR A 88 14.46 2.75 2.13
CA TYR A 88 14.12 4.11 1.75
C TYR A 88 13.40 4.15 0.40
N CYS A 89 12.25 4.82 0.38
CA CYS A 89 11.41 4.95 -0.80
C CYS A 89 11.36 6.42 -1.22
N GLU A 90 12.33 6.82 -2.04
CA GLU A 90 12.53 8.20 -2.48
C GLU A 90 11.27 8.90 -2.99
N GLY A 91 10.46 8.19 -3.79
CA GLY A 91 9.26 8.76 -4.39
C GLY A 91 8.08 8.95 -3.44
N GLY A 92 8.24 8.51 -2.19
CA GLY A 92 7.20 8.69 -1.16
C GLY A 92 6.00 7.77 -1.38
N ASP A 93 4.86 8.17 -0.82
CA ASP A 93 3.67 7.33 -0.86
C ASP A 93 2.72 7.68 -2.01
N LEU A 94 1.79 6.78 -2.31
CA LEU A 94 0.80 7.01 -3.37
C LEU A 94 -0.28 8.04 -3.06
N ALA A 95 -0.59 8.24 -1.77
CA ALA A 95 -1.59 9.22 -1.39
C ALA A 95 -1.17 10.63 -1.80
N SER A 96 0.13 10.92 -1.65
CA SER A 96 0.71 12.19 -2.03
C SER A 96 0.73 12.41 -3.54
N VAL A 97 0.94 11.34 -4.29
CA VAL A 97 0.88 11.36 -5.75
C VAL A 97 -0.53 11.78 -6.23
N ILE A 98 -1.56 11.18 -5.63
CA ILE A 98 -2.96 11.49 -5.89
C ILE A 98 -3.29 12.95 -5.53
N THR A 99 -2.87 13.36 -4.33
CA THR A 99 -2.98 14.74 -3.84
C THR A 99 -2.32 15.75 -4.78
N LYS A 100 -1.12 15.43 -5.27
CA LYS A 100 -0.42 16.25 -6.25
C LYS A 100 -1.14 16.28 -7.61
N GLY A 101 -1.70 15.15 -8.03
CA GLY A 101 -2.49 15.08 -9.26
C GLY A 101 -3.70 16.01 -9.21
N THR A 102 -4.44 15.94 -8.11
CA THR A 102 -5.58 16.81 -7.86
C THR A 102 -5.15 18.29 -7.87
N LYS A 103 -4.05 18.58 -7.16
CA LYS A 103 -3.49 19.91 -7.03
C LYS A 103 -3.05 20.51 -8.37
N GLU A 104 -2.32 19.71 -9.15
CA GLU A 104 -1.82 20.19 -10.43
C GLU A 104 -2.80 20.03 -11.61
N ARG A 105 -3.98 19.48 -11.32
CA ARG A 105 -5.04 19.27 -12.32
C ARG A 105 -4.51 18.41 -13.45
N GLN A 106 -3.90 17.29 -13.06
CA GLN A 106 -3.19 16.44 -14.00
C GLN A 106 -3.44 14.97 -13.66
N TYR A 107 -4.16 14.28 -14.54
CA TYR A 107 -4.31 12.83 -14.44
C TYR A 107 -2.99 12.10 -14.69
N LEU A 108 -2.77 11.03 -13.93
CA LEU A 108 -1.59 10.16 -14.04
C LEU A 108 -1.60 9.39 -15.36
N ASP A 109 -0.41 9.28 -15.97
CA ASP A 109 -0.18 8.44 -17.16
C ASP A 109 -0.72 7.03 -16.94
N GLU A 110 -1.36 6.46 -17.96
CA GLU A 110 -1.82 5.06 -17.92
C GLU A 110 -0.66 4.10 -17.62
N GLU A 111 0.52 4.41 -18.14
CA GLU A 111 1.73 3.59 -17.93
C GLU A 111 2.11 3.47 -16.46
N PHE A 112 1.97 4.56 -15.71
CA PHE A 112 2.20 4.54 -14.27
C PHE A 112 1.13 3.70 -13.58
N VAL A 113 -0.12 3.82 -14.02
CA VAL A 113 -1.19 3.07 -13.41
C VAL A 113 -0.96 1.58 -13.65
N LEU A 114 -0.46 1.22 -14.83
CA LEU A 114 -0.16 -0.19 -15.16
C LEU A 114 1.00 -0.75 -14.35
N ARG A 115 1.99 0.09 -14.07
CA ARG A 115 3.09 -0.30 -13.17
C ARG A 115 2.58 -0.62 -11.76
N VAL A 116 1.72 0.24 -11.23
CA VAL A 116 1.17 0.07 -9.89
C VAL A 116 0.34 -1.21 -9.83
N MET A 117 -0.55 -1.38 -10.82
CA MET A 117 -1.36 -2.56 -10.96
C MET A 117 -0.54 -3.86 -11.02
N THR A 118 0.48 -3.86 -11.90
CA THR A 118 1.36 -5.03 -12.05
C THR A 118 2.12 -5.29 -10.76
N GLN A 119 2.81 -4.26 -10.26
CA GLN A 119 3.68 -4.45 -9.06
C GLN A 119 2.94 -4.74 -7.73
N LEU A 120 1.73 -4.17 -7.54
CA LEU A 120 0.94 -4.46 -6.35
C LEU A 120 0.28 -5.83 -6.42
N THR A 121 -0.10 -6.24 -7.62
CA THR A 121 -0.65 -7.56 -7.81
C THR A 121 0.40 -8.62 -7.49
N LEU A 122 1.64 -8.39 -7.90
CA LEU A 122 2.74 -9.28 -7.50
C LEU A 122 3.05 -9.24 -5.99
N ALA A 123 2.94 -8.06 -5.37
CA ALA A 123 3.05 -7.96 -3.90
C ALA A 123 1.97 -8.82 -3.23
N LEU A 124 0.75 -8.73 -3.75
CA LEU A 124 -0.38 -9.54 -3.25
C LEU A 124 -0.22 -11.02 -3.49
N LYS A 125 0.29 -11.41 -4.66
CA LYS A 125 0.55 -12.82 -4.93
C LYS A 125 1.42 -13.41 -3.82
N GLU A 126 2.45 -12.66 -3.42
CA GLU A 126 3.40 -13.08 -2.41
C GLU A 126 2.75 -13.11 -1.02
N CYS A 127 2.08 -12.02 -0.66
CA CYS A 127 1.31 -11.95 0.59
C CYS A 127 0.38 -13.14 0.78
N HIS A 128 -0.31 -13.53 -0.28
CA HIS A 128 -1.24 -14.65 -0.23
C HIS A 128 -0.55 -16.00 -0.11
N ARG A 129 0.67 -16.10 -0.64
CA ARG A 129 1.52 -17.28 -0.47
C ARG A 129 1.94 -17.47 0.99
N ARG A 130 2.27 -16.36 1.66
CA ARG A 130 2.60 -16.38 3.09
C ARG A 130 1.48 -17.04 3.92
N SER A 131 0.24 -16.63 3.65
CA SER A 131 -0.94 -17.26 4.25
C SER A 131 -1.22 -18.60 3.57
N ASP A 141 -5.35 -4.29 4.05
CA ASP A 141 -5.61 -2.85 3.90
C ASP A 141 -4.65 -2.21 2.89
N LEU A 142 -5.09 -2.17 1.63
CA LEU A 142 -4.34 -1.51 0.57
C LEU A 142 -4.82 -0.09 0.42
N LYS A 143 -4.21 0.83 1.15
CA LYS A 143 -4.50 2.24 1.01
C LYS A 143 -3.35 2.86 0.24
N PRO A 144 -3.62 3.95 -0.51
CA PRO A 144 -2.53 4.68 -1.16
C PRO A 144 -1.44 5.15 -0.18
N ALA A 145 -1.84 5.51 1.04
CA ALA A 145 -0.89 5.88 2.11
C ALA A 145 0.08 4.75 2.51
N ASN A 146 -0.29 3.50 2.22
CA ASN A 146 0.55 2.35 2.52
C ASN A 146 1.22 1.76 1.26
N VAL A 147 1.29 2.56 0.20
CA VAL A 147 1.98 2.16 -1.02
C VAL A 147 3.05 3.19 -1.35
N PHE A 148 4.26 2.70 -1.63
CA PHE A 148 5.44 3.54 -1.72
C PHE A 148 6.16 3.39 -3.04
N LEU A 149 6.89 4.45 -3.40
CA LEU A 149 7.61 4.51 -4.67
C LEU A 149 9.08 4.76 -4.40
N ASP A 150 9.94 4.01 -5.07
CA ASP A 150 11.38 4.27 -5.02
C ASP A 150 11.75 5.29 -6.11
N GLY A 151 13.05 5.56 -6.31
CA GLY A 151 13.46 6.51 -7.35
C GLY A 151 13.57 5.91 -8.75
N LYS A 152 13.23 4.63 -8.89
CA LYS A 152 13.48 3.86 -10.13
C LYS A 152 12.22 3.29 -10.76
N GLN A 153 11.09 3.95 -10.54
CA GLN A 153 9.79 3.52 -11.08
C GLN A 153 9.18 2.28 -10.40
N ASN A 154 9.83 1.79 -9.34
CA ASN A 154 9.32 0.61 -8.63
C ASN A 154 8.27 0.96 -7.56
N VAL A 155 7.31 0.04 -7.39
CA VAL A 155 6.18 0.20 -6.47
C VAL A 155 6.34 -0.82 -5.36
N LYS A 156 6.16 -0.39 -4.11
CA LYS A 156 6.31 -1.26 -2.95
C LYS A 156 5.14 -1.17 -1.98
N LEU A 157 4.63 -2.33 -1.61
CA LEU A 157 3.60 -2.43 -0.60
C LEU A 157 4.23 -2.36 0.79
N GLY A 158 3.67 -1.52 1.64
CA GLY A 158 4.06 -1.51 3.04
C GLY A 158 3.64 -2.79 3.74
N ASP A 159 4.54 -3.32 4.56
CA ASP A 159 4.23 -4.42 5.47
C ASP A 159 2.94 -4.11 6.23
N PHE A 160 1.96 -5.00 6.15
CA PHE A 160 0.69 -4.84 6.86
C PHE A 160 0.91 -4.84 8.39
N GLY A 161 1.88 -5.63 8.84
CA GLY A 161 2.26 -5.67 10.25
C GLY A 161 2.91 -4.38 10.75
N LEU A 162 3.59 -3.68 9.84
CA LEU A 162 4.19 -2.37 10.16
C LEU A 162 3.11 -1.30 10.30
N ALA A 163 2.14 -1.29 9.38
CA ALA A 163 1.04 -0.32 9.42
C ALA A 163 0.16 -0.49 10.65
N ARG A 164 0.10 -1.72 11.18
CA ARG A 164 -0.66 -2.02 12.39
C ARG A 164 -0.04 -1.41 13.65
N ILE A 165 1.27 -1.57 13.80
CA ILE A 165 1.99 -0.99 14.94
C ILE A 165 2.13 0.54 14.86
N LEU A 166 2.25 1.07 13.64
CA LEU A 166 2.25 2.52 13.44
C LEU A 166 0.84 3.08 13.56
N GLY A 178 -18.73 8.55 5.13
CA GLY A 178 -18.14 7.23 4.96
C GLY A 178 -16.63 7.29 4.91
N THR A 179 -15.99 6.84 5.99
CA THR A 179 -14.52 6.94 6.12
C THR A 179 -13.67 5.88 5.38
N PRO A 180 -14.12 4.59 5.37
CA PRO A 180 -13.23 3.55 4.83
C PRO A 180 -13.08 3.50 3.30
N TYR A 181 -14.19 3.63 2.57
CA TYR A 181 -14.23 3.61 1.08
C TYR A 181 -13.91 2.25 0.44
N TYR A 182 -12.80 1.64 0.89
CA TYR A 182 -12.26 0.38 0.35
C TYR A 182 -12.82 -0.85 1.07
N MET A 183 -13.96 -0.66 1.74
CA MET A 183 -14.57 -1.69 2.57
C MET A 183 -15.41 -2.68 1.74
N SER A 184 -14.79 -3.80 1.38
CA SER A 184 -15.41 -4.82 0.51
C SER A 184 -16.80 -5.23 0.97
N PRO A 185 -17.67 -5.64 0.02
CA PRO A 185 -19.01 -6.15 0.38
C PRO A 185 -19.00 -7.33 1.36
N GLU A 186 -17.94 -8.15 1.33
CA GLU A 186 -17.79 -9.29 2.26
C GLU A 186 -17.62 -8.82 3.70
N GLN A 187 -16.65 -7.92 3.91
CA GLN A 187 -16.39 -7.35 5.23
C GLN A 187 -17.64 -6.69 5.79
N MET A 188 -18.39 -6.09 4.89
CA MET A 188 -19.61 -5.35 5.19
C MET A 188 -20.76 -6.28 5.53
N ASN A 189 -20.99 -7.27 4.66
CA ASN A 189 -22.05 -8.26 4.86
C ASN A 189 -21.69 -9.31 5.91
N ARG A 190 -20.65 -9.00 6.69
CA ARG A 190 -20.17 -9.83 7.82
C ARG A 190 -19.67 -11.20 7.40
N MET A 191 -19.21 -11.30 6.15
CA MET A 191 -18.59 -12.51 5.63
C MET A 191 -17.13 -12.52 6.06
N SER A 192 -16.57 -13.72 6.19
CA SER A 192 -15.16 -13.89 6.53
C SER A 192 -14.30 -13.40 5.36
N TYR A 193 -13.11 -12.93 5.69
CA TYR A 193 -12.17 -12.43 4.69
C TYR A 193 -11.68 -13.54 3.74
N ASN A 194 -11.53 -13.16 2.48
CA ASN A 194 -10.89 -14.01 1.48
C ASN A 194 -9.96 -13.15 0.63
N GLU A 195 -9.11 -13.82 -0.15
CA GLU A 195 -8.14 -13.14 -1.00
C GLU A 195 -8.80 -12.26 -2.06
N LYS A 196 -10.03 -12.60 -2.45
CA LYS A 196 -10.79 -11.76 -3.39
C LYS A 196 -11.16 -10.40 -2.78
N SER A 197 -11.27 -10.33 -1.45
CA SER A 197 -11.42 -9.04 -0.79
C SER A 197 -10.25 -8.08 -1.06
N ASP A 198 -9.03 -8.61 -1.11
CA ASP A 198 -7.84 -7.82 -1.48
C ASP A 198 -7.89 -7.29 -2.92
N ILE A 199 -8.50 -8.08 -3.81
CA ILE A 199 -8.71 -7.67 -5.20
C ILE A 199 -9.66 -6.46 -5.27
N TRP A 200 -10.75 -6.52 -4.49
CA TRP A 200 -11.64 -5.36 -4.33
C TRP A 200 -10.87 -4.10 -3.90
N SER A 201 -10.09 -4.19 -2.83
CA SER A 201 -9.30 -3.05 -2.34
C SER A 201 -8.30 -2.55 -3.37
N LEU A 202 -7.65 -3.47 -4.08
CA LEU A 202 -6.82 -3.11 -5.23
C LEU A 202 -7.57 -2.31 -6.30
N GLY A 203 -8.79 -2.73 -6.63
CA GLY A 203 -9.62 -2.01 -7.62
C GLY A 203 -9.94 -0.57 -7.21
N CYS A 204 -10.26 -0.38 -5.94
CA CYS A 204 -10.53 0.93 -5.36
C CYS A 204 -9.30 1.82 -5.44
N LEU A 205 -8.12 1.24 -5.16
CA LEU A 205 -6.87 2.00 -5.24
C LEU A 205 -6.57 2.41 -6.67
N LEU A 206 -6.63 1.45 -7.60
CA LEU A 206 -6.34 1.76 -8.99
C LEU A 206 -7.35 2.74 -9.58
N TYR A 207 -8.60 2.61 -9.14
CA TYR A 207 -9.65 3.53 -9.55
C TYR A 207 -9.34 4.94 -9.09
N GLU A 208 -9.03 5.08 -7.79
CA GLU A 208 -8.69 6.38 -7.23
C GLU A 208 -7.48 6.98 -7.94
N LEU A 209 -6.50 6.14 -8.27
CA LEU A 209 -5.31 6.56 -8.98
C LEU A 209 -5.64 7.15 -10.37
N CYS A 210 -6.60 6.54 -11.05
CA CYS A 210 -7.11 7.06 -12.33
C CYS A 210 -8.02 8.29 -12.19
N ALA A 211 -9.01 8.20 -11.30
CA ALA A 211 -10.07 9.23 -11.18
C ALA A 211 -9.70 10.35 -10.22
N LEU A 212 -8.65 10.12 -9.44
CA LEU A 212 -8.23 10.99 -8.34
C LEU A 212 -9.35 11.15 -7.29
N MET A 213 -10.31 10.23 -7.34
CA MET A 213 -11.34 10.10 -6.33
C MET A 213 -11.68 8.62 -6.19
N PRO A 214 -12.09 8.18 -4.98
CA PRO A 214 -12.56 6.80 -4.80
C PRO A 214 -13.84 6.51 -5.60
N PRO A 215 -14.08 5.23 -5.95
CA PRO A 215 -15.27 4.88 -6.75
C PRO A 215 -16.60 5.18 -6.07
N PHE A 216 -16.62 5.03 -4.74
CA PHE A 216 -17.80 5.26 -3.93
C PHE A 216 -17.50 6.33 -2.90
N THR A 217 -18.40 7.28 -2.76
CA THR A 217 -18.30 8.34 -1.77
C THR A 217 -19.68 8.69 -1.24
N ALA A 218 -19.75 9.06 0.03
CA ALA A 218 -20.99 9.47 0.68
C ALA A 218 -20.71 10.28 1.94
N PHE A 219 -21.76 10.90 2.46
CA PHE A 219 -21.68 11.78 3.63
C PHE A 219 -21.77 10.99 4.94
N SER A 220 -22.31 9.79 4.87
CA SER A 220 -22.37 8.87 6.02
C SER A 220 -21.80 7.50 5.64
N GLN A 221 -21.48 6.70 6.65
CA GLN A 221 -20.98 5.32 6.45
C GLN A 221 -22.08 4.35 6.03
N LYS A 222 -23.28 4.51 6.57
CA LYS A 222 -24.42 3.71 6.14
C LYS A 222 -24.88 4.13 4.74
N GLU A 223 -24.58 5.38 4.37
CA GLU A 223 -24.85 5.89 3.04
C GLU A 223 -23.80 5.37 2.07
N LEU A 224 -22.56 5.26 2.54
CA LEU A 224 -21.47 4.66 1.79
C LEU A 224 -21.76 3.19 1.48
N ALA A 225 -22.20 2.46 2.51
CA ALA A 225 -22.59 1.06 2.39
C ALA A 225 -23.64 0.85 1.31
N GLY A 226 -24.59 1.78 1.23
CA GLY A 226 -25.64 1.74 0.21
C GLY A 226 -25.10 1.88 -1.20
N LYS A 227 -24.15 2.78 -1.37
CA LYS A 227 -23.49 3.00 -2.66
C LYS A 227 -22.70 1.76 -3.10
N ILE A 228 -21.89 1.22 -2.19
CA ILE A 228 -21.03 0.07 -2.48
C ILE A 228 -21.85 -1.12 -2.95
N ARG A 229 -22.96 -1.36 -2.25
CA ARG A 229 -23.83 -2.52 -2.44
C ARG A 229 -24.67 -2.40 -3.71
N GLU A 230 -25.07 -1.17 -4.06
CA GLU A 230 -25.63 -0.87 -5.38
C GLU A 230 -24.62 -1.20 -6.50
N GLY A 231 -23.33 -0.98 -6.24
CA GLY A 231 -22.26 -1.41 -7.15
C GLY A 231 -21.92 -0.50 -8.33
N LYS A 232 -22.43 0.73 -8.28
CA LYS A 232 -22.34 1.69 -9.39
C LYS A 232 -21.34 2.84 -9.16
N PHE A 233 -20.65 3.22 -10.23
CA PHE A 233 -19.60 4.25 -10.19
C PHE A 233 -19.40 4.80 -11.59
N ARG A 234 -18.74 5.94 -11.67
CA ARG A 234 -18.41 6.57 -12.94
C ARG A 234 -17.30 5.76 -13.56
N ARG A 235 -17.25 5.74 -14.89
CA ARG A 235 -16.12 5.20 -15.61
C ARG A 235 -14.89 6.04 -15.22
N ILE A 236 -13.72 5.44 -15.25
CA ILE A 236 -12.48 6.20 -15.07
C ILE A 236 -12.35 7.22 -16.24
N PRO A 237 -11.55 8.29 -16.07
CA PRO A 237 -11.46 9.26 -17.19
C PRO A 237 -11.21 8.61 -18.56
N TYR A 238 -11.75 9.22 -19.60
CA TYR A 238 -11.62 8.72 -20.99
C TYR A 238 -10.21 8.69 -21.56
N ARG A 239 -9.26 9.31 -20.86
CA ARG A 239 -7.85 9.16 -21.26
C ARG A 239 -7.34 7.74 -21.00
N TYR A 240 -8.02 6.99 -20.13
CA TYR A 240 -7.65 5.59 -19.93
C TYR A 240 -8.38 4.65 -20.86
N SER A 241 -7.63 3.69 -21.38
CA SER A 241 -8.14 2.74 -22.37
C SER A 241 -9.33 1.95 -21.82
N ASP A 242 -10.16 1.46 -22.73
CA ASP A 242 -11.26 0.56 -22.44
C ASP A 242 -10.82 -0.71 -21.68
N GLU A 243 -9.65 -1.23 -22.04
CA GLU A 243 -9.08 -2.40 -21.41
C GLU A 243 -8.67 -2.17 -19.95
N LEU A 244 -8.03 -1.04 -19.66
CA LEU A 244 -7.73 -0.68 -18.26
C LEU A 244 -9.00 -0.50 -17.44
N ASN A 245 -9.96 0.23 -18.02
CA ASN A 245 -11.27 0.39 -17.42
C ASN A 245 -11.97 -0.94 -17.13
N GLU A 246 -11.91 -1.86 -18.08
CA GLU A 246 -12.51 -3.19 -17.93
C GLU A 246 -11.93 -3.94 -16.72
N ILE A 247 -10.61 -3.90 -16.57
CA ILE A 247 -9.96 -4.66 -15.50
C ILE A 247 -10.29 -4.08 -14.10
N ILE A 248 -10.21 -2.76 -13.96
CA ILE A 248 -10.58 -2.09 -12.71
C ILE A 248 -12.04 -2.36 -12.36
N THR A 249 -12.92 -2.25 -13.36
CA THR A 249 -14.34 -2.51 -13.18
C THR A 249 -14.57 -3.92 -12.65
N ARG A 250 -13.90 -4.90 -13.28
CA ARG A 250 -13.96 -6.31 -12.88
C ARG A 250 -13.58 -6.51 -11.41
N MET A 251 -12.54 -5.82 -10.95
CA MET A 251 -12.12 -5.94 -9.55
C MET A 251 -13.14 -5.33 -8.60
N LEU A 252 -13.95 -4.41 -9.12
CA LEU A 252 -15.01 -3.78 -8.33
C LEU A 252 -16.35 -4.48 -8.43
N ASN A 253 -16.39 -5.71 -8.95
CA ASN A 253 -17.63 -6.49 -8.88
C ASN A 253 -18.07 -6.76 -7.44
N LEU A 254 -19.39 -6.78 -7.23
CA LEU A 254 -19.97 -7.04 -5.92
C LEU A 254 -19.74 -8.46 -5.47
N LYS A 255 -19.79 -9.41 -6.42
CA LYS A 255 -19.58 -10.81 -6.13
C LYS A 255 -18.11 -11.11 -6.21
N ASP A 256 -17.54 -11.60 -5.12
CA ASP A 256 -16.12 -11.93 -5.07
C ASP A 256 -15.69 -12.89 -6.17
N TYR A 257 -16.57 -13.80 -6.59
CA TYR A 257 -16.25 -14.77 -7.64
C TYR A 257 -16.22 -14.21 -9.07
N HIS A 258 -16.76 -13.00 -9.26
CA HIS A 258 -16.66 -12.28 -10.56
C HIS A 258 -15.39 -11.43 -10.69
N ARG A 259 -14.65 -11.27 -9.60
CA ARG A 259 -13.43 -10.48 -9.62
C ARG A 259 -12.30 -11.36 -10.15
N PRO A 260 -11.33 -10.75 -10.86
CA PRO A 260 -10.24 -11.61 -11.32
C PRO A 260 -9.29 -12.00 -10.18
N SER A 261 -8.75 -13.21 -10.27
CA SER A 261 -7.66 -13.64 -9.41
C SER A 261 -6.39 -12.88 -9.78
N VAL A 262 -5.40 -12.92 -8.89
CA VAL A 262 -4.05 -12.41 -9.14
C VAL A 262 -3.50 -12.91 -10.49
N GLU A 263 -3.60 -14.21 -10.71
CA GLU A 263 -3.15 -14.84 -11.95
C GLU A 263 -3.85 -14.32 -13.20
N GLU A 264 -5.17 -14.19 -13.13
CA GLU A 264 -5.96 -13.61 -14.22
C GLU A 264 -5.57 -12.15 -14.52
N ILE A 265 -5.26 -11.37 -13.48
CA ILE A 265 -4.81 -9.97 -13.65
C ILE A 265 -3.49 -9.88 -14.44
N LEU A 266 -2.50 -10.66 -14.02
CA LEU A 266 -1.18 -10.65 -14.65
C LEU A 266 -1.13 -11.23 -16.07
N GLU A 267 -2.09 -12.09 -16.42
CA GLU A 267 -2.28 -12.57 -17.80
C GLU A 267 -2.84 -11.51 -18.76
N ASN A 268 -3.25 -10.36 -18.22
CA ASN A 268 -3.90 -9.34 -19.03
C ASN A 268 -2.93 -8.78 -20.07
N PRO A 269 -3.35 -8.70 -21.35
CA PRO A 269 -2.51 -8.17 -22.43
C PRO A 269 -1.90 -6.79 -22.17
N LEU A 270 -2.53 -5.97 -21.35
CA LEU A 270 -1.97 -4.66 -20.95
C LEU A 270 -0.62 -4.76 -20.24
N ILE A 271 -0.41 -5.84 -19.50
CA ILE A 271 0.71 -5.92 -18.57
C ILE A 271 1.96 -6.49 -19.26
N LEU A 272 2.99 -5.66 -19.36
CA LEU A 272 4.19 -6.02 -20.12
C LEU A 272 5.44 -6.06 -19.22
N GLU A 273 6.55 -6.55 -19.75
CA GLU A 273 7.80 -6.64 -18.98
C GLU A 273 8.13 -5.31 -18.30
N HIS A 274 8.06 -4.22 -19.06
CA HIS A 274 8.52 -2.93 -18.54
C HIS A 274 7.66 -2.36 -17.39
N HIS A 275 6.51 -2.97 -17.13
CA HIS A 275 5.65 -2.57 -16.03
C HIS A 275 6.05 -3.20 -14.69
N HIS A 276 6.95 -4.17 -14.75
CA HIS A 276 7.46 -4.91 -13.58
C HIS A 276 8.59 -4.14 -12.92
N HIS A 277 9.04 -4.62 -11.77
CA HIS A 277 10.13 -4.00 -11.03
C HIS A 277 11.43 -4.10 -11.82
N HIS A 278 12.31 -3.11 -11.62
CA HIS A 278 13.68 -3.14 -12.16
C HIS A 278 14.62 -2.52 -11.14
N HIS A 279 15.53 -3.33 -10.61
CA HIS A 279 16.48 -2.89 -9.58
C HIS A 279 17.93 -3.08 -10.02
#